data_4B32
#
_entry.id   4B32
#
_cell.length_a   37.690
_cell.length_b   79.050
_cell.length_c   39.620
_cell.angle_alpha   90.00
_cell.angle_beta   117.88
_cell.angle_gamma   90.00
#
_symmetry.space_group_name_H-M   'P 1 21 1'
#
loop_
_entity.id
_entity.type
_entity.pdbx_description
1 polymer 'DNA REPAIR AND RECOMBINATION PROTEIN RADA'
2 non-polymer 'PHOSPHATE ION'
3 non-polymer naphthalen-2-ol
4 water water
#
_entity_poly.entity_id   1
_entity_poly.type   'polypeptide(L)'
_entity_poly.pdbx_seq_one_letter_code
;MATIGRISTGSKSLDKLLGGGIETQAITEVFGEFGSGKTQLAHTLAVMVQLPPEEGGLNGSVMWIDTENTFRPERIREIA
QNRGLDPDEVLKHIAYARAFNSNHQMLLVQQAEDMIKELLNTDRPVKLLIVDSLTSHFRSEYIGRGALAERQQKLAKHLA
DLHRLANLYDIAVFVTNQVQANGGHILAHSATLRVYLRKGKGGKRIARLIDAPHLPEGEAVFSITEKGIED
;
_entity_poly.pdbx_strand_id   A
#
# COMPACT_ATOMS: atom_id res chain seq x y z
N ALA A 2 -2.08 11.31 -17.18
CA ALA A 2 -3.11 10.28 -17.13
C ALA A 2 -4.13 10.56 -16.04
N THR A 3 -5.37 10.13 -16.28
N THR A 3 -5.36 10.14 -16.28
CA THR A 3 -6.43 10.26 -15.30
CA THR A 3 -6.42 10.28 -15.28
C THR A 3 -6.05 9.45 -14.06
C THR A 3 -6.06 9.46 -14.06
N ILE A 4 -6.36 9.99 -12.87
CA ILE A 4 -6.10 9.25 -11.64
C ILE A 4 -6.94 7.99 -11.63
N GLY A 5 -6.32 6.85 -11.34
CA GLY A 5 -7.05 5.60 -11.22
C GLY A 5 -7.22 5.28 -9.75
N ARG A 6 -8.22 4.47 -9.42
CA ARG A 6 -8.44 4.11 -8.03
C ARG A 6 -8.55 2.61 -7.91
N ILE A 7 -7.99 2.09 -6.82
CA ILE A 7 -8.05 0.67 -6.53
C ILE A 7 -8.98 0.46 -5.36
N SER A 8 -9.98 -0.40 -5.52
CA SER A 8 -10.86 -0.71 -4.40
C SER A 8 -10.12 -1.42 -3.29
N THR A 9 -10.39 -1.02 -2.04
CA THR A 9 -9.87 -1.68 -0.86
C THR A 9 -10.58 -3.01 -0.53
N GLY A 10 -11.68 -3.28 -1.23
CA GLY A 10 -12.54 -4.42 -0.90
C GLY A 10 -13.74 -4.01 -0.05
N SER A 11 -13.61 -2.89 0.66
CA SER A 11 -14.71 -2.38 1.50
C SER A 11 -15.39 -1.17 0.86
N LYS A 12 -16.69 -1.29 0.60
CA LYS A 12 -17.47 -0.16 0.08
C LYS A 12 -17.43 1.06 1.00
N SER A 13 -17.50 0.81 2.32
CA SER A 13 -17.46 1.87 3.31
C SER A 13 -16.14 2.63 3.23
N LEU A 14 -15.05 1.87 3.22
CA LEU A 14 -13.72 2.46 3.17
C LEU A 14 -13.47 3.16 1.84
N ASP A 15 -13.88 2.52 0.75
CA ASP A 15 -13.80 3.16 -0.57
C ASP A 15 -14.50 4.52 -0.59
N LYS A 16 -15.68 4.58 0.01
CA LYS A 16 -16.46 5.82 0.03
C LYS A 16 -15.70 6.92 0.77
N LEU A 17 -15.13 6.57 1.92
CA LEU A 17 -14.32 7.51 2.69
C LEU A 17 -13.14 8.07 1.87
N LEU A 18 -12.56 7.20 1.04
CA LEU A 18 -11.38 7.55 0.28
C LEU A 18 -11.68 8.16 -1.09
N GLY A 19 -12.95 8.36 -1.40
CA GLY A 19 -13.36 8.94 -2.67
C GLY A 19 -13.37 7.95 -3.80
N GLY A 20 -13.46 6.66 -3.47
CA GLY A 20 -13.56 5.62 -4.47
C GLY A 20 -12.56 4.48 -4.33
N GLY A 21 -11.49 4.70 -3.58
CA GLY A 21 -10.43 3.71 -3.45
C GLY A 21 -9.10 4.43 -3.31
N ILE A 22 -7.99 3.70 -3.25
CA ILE A 22 -6.70 4.39 -3.16
C ILE A 22 -6.29 4.87 -4.54
N GLU A 23 -5.63 6.02 -4.58
CA GLU A 23 -5.33 6.71 -5.85
C GLU A 23 -3.96 6.40 -6.43
N THR A 24 -3.89 6.25 -7.75
CA THR A 24 -2.60 6.34 -8.42
C THR A 24 -2.12 7.79 -8.33
N GLN A 25 -0.84 8.01 -8.59
CA GLN A 25 -0.22 9.34 -8.48
C GLN A 25 -0.30 9.91 -7.07
N ALA A 26 -0.34 9.04 -6.08
CA ALA A 26 -0.45 9.43 -4.67
C ALA A 26 0.21 8.40 -3.80
N ILE A 27 0.59 8.83 -2.60
CA ILE A 27 1.03 7.92 -1.54
C ILE A 27 -0.05 7.89 -0.47
N THR A 28 -0.62 6.72 -0.25
CA THR A 28 -1.55 6.51 0.86
C THR A 28 -0.80 5.86 2.01
N GLU A 29 -0.90 6.46 3.19
CA GLU A 29 -0.11 6.06 4.36
C GLU A 29 -1.06 5.62 5.45
N VAL A 30 -1.02 4.35 5.80
CA VAL A 30 -1.97 3.77 6.75
C VAL A 30 -1.28 3.42 8.05
N PHE A 31 -1.78 3.99 9.14
CA PHE A 31 -1.23 3.80 10.49
C PHE A 31 -2.06 2.81 11.28
N GLY A 32 -1.41 2.04 12.13
CA GLY A 32 -2.16 1.18 13.02
C GLY A 32 -1.25 0.41 13.93
N GLU A 33 -1.77 0.08 15.11
CA GLU A 33 -1.04 -0.70 16.07
C GLU A 33 -1.23 -2.16 15.68
N PHE A 34 -0.54 -3.05 16.36
CA PHE A 34 -0.58 -4.46 15.99
C PHE A 34 -2.01 -4.99 15.88
N GLY A 35 -2.32 -5.63 14.76
CA GLY A 35 -3.64 -6.21 14.55
C GLY A 35 -4.70 -5.22 14.08
N SER A 36 -4.26 -4.01 13.71
CA SER A 36 -5.16 -2.95 13.24
C SER A 36 -5.84 -3.28 11.91
N GLY A 37 -5.18 -4.09 11.10
CA GLY A 37 -5.68 -4.41 9.78
C GLY A 37 -4.86 -3.82 8.64
N LYS A 38 -3.82 -3.05 8.95
CA LYS A 38 -3.07 -2.38 7.88
C LYS A 38 -2.36 -3.33 6.91
N THR A 39 -1.77 -4.41 7.43
CA THR A 39 -1.13 -5.37 6.55
C THR A 39 -2.18 -6.22 5.79
N GLN A 40 -3.32 -6.49 6.44
CA GLN A 40 -4.43 -7.16 5.75
C GLN A 40 -4.95 -6.32 4.58
N LEU A 41 -4.99 -5.01 4.79
CA LEU A 41 -5.37 -4.08 3.74
C LEU A 41 -4.36 -4.12 2.60
N ALA A 42 -3.06 -4.14 2.96
CA ALA A 42 -2.02 -4.28 1.95
C ALA A 42 -2.21 -5.56 1.12
N HIS A 43 -2.45 -6.68 1.79
CA HIS A 43 -2.62 -7.95 1.08
C HIS A 43 -3.85 -7.90 0.15
N THR A 44 -4.93 -7.30 0.62
CA THR A 44 -6.17 -7.20 -0.17
C THR A 44 -5.95 -6.34 -1.42
N LEU A 45 -5.31 -5.19 -1.24
CA LEU A 45 -5.02 -4.31 -2.36
C LEU A 45 -4.14 -5.00 -3.43
N ALA A 46 -3.21 -5.83 -2.99
CA ALA A 46 -2.33 -6.55 -3.91
C ALA A 46 -3.08 -7.54 -4.80
N VAL A 47 -4.24 -7.98 -4.33
CA VAL A 47 -5.15 -8.80 -5.14
C VAL A 47 -6.08 -7.91 -5.98
N MET A 48 -6.74 -6.94 -5.33
CA MET A 48 -7.74 -6.11 -5.99
C MET A 48 -7.19 -5.42 -7.24
N VAL A 49 -5.95 -4.92 -7.16
CA VAL A 49 -5.43 -4.13 -8.27
C VAL A 49 -5.30 -4.96 -9.55
N GLN A 50 -5.26 -6.28 -9.39
CA GLN A 50 -5.11 -7.18 -10.55
C GLN A 50 -6.44 -7.42 -11.29
N LEU A 51 -7.54 -6.99 -10.70
CA LEU A 51 -8.86 -7.11 -11.34
C LEU A 51 -9.02 -6.03 -12.40
N PRO A 52 -9.99 -6.20 -13.30
CA PRO A 52 -10.33 -5.13 -14.24
C PRO A 52 -11.08 -4.01 -13.52
N PRO A 53 -11.11 -2.82 -14.11
CA PRO A 53 -11.75 -1.64 -13.51
C PRO A 53 -13.19 -1.90 -13.09
N GLU A 54 -13.91 -2.70 -13.86
CA GLU A 54 -15.31 -3.01 -13.54
C GLU A 54 -15.43 -3.71 -12.20
N GLU A 55 -14.37 -4.42 -11.81
CA GLU A 55 -14.37 -5.14 -10.54
C GLU A 55 -13.52 -4.44 -9.46
N GLY A 56 -13.06 -3.23 -9.76
CA GLY A 56 -12.37 -2.43 -8.76
C GLY A 56 -10.84 -2.42 -8.84
N GLY A 57 -10.29 -3.01 -9.88
CA GLY A 57 -8.84 -3.00 -10.07
C GLY A 57 -8.37 -2.15 -11.24
N LEU A 58 -7.11 -2.34 -11.63
CA LEU A 58 -6.53 -1.54 -12.70
C LEU A 58 -5.74 -2.43 -13.64
N ASN A 59 -6.09 -3.72 -13.66
CA ASN A 59 -5.38 -4.68 -14.51
C ASN A 59 -3.88 -4.52 -14.35
N GLY A 60 -3.42 -4.45 -13.10
CA GLY A 60 -2.03 -4.16 -12.84
C GLY A 60 -1.23 -5.25 -12.13
N SER A 61 0.08 -5.06 -12.14
CA SER A 61 1.03 -5.84 -11.36
C SER A 61 1.38 -5.07 -10.08
N VAL A 62 2.07 -5.76 -9.19
CA VAL A 62 2.38 -5.23 -7.88
C VAL A 62 3.88 -5.37 -7.60
N MET A 63 4.42 -4.42 -6.85
CA MET A 63 5.75 -4.56 -6.30
C MET A 63 5.63 -4.34 -4.81
N TRP A 64 6.27 -5.19 -4.01
CA TRP A 64 6.08 -5.22 -2.56
C TRP A 64 7.41 -5.24 -1.84
N ILE A 65 7.68 -4.21 -1.06
CA ILE A 65 8.87 -4.14 -0.23
C ILE A 65 8.49 -4.42 1.21
N ASP A 66 9.10 -5.45 1.81
CA ASP A 66 8.75 -5.96 3.13
C ASP A 66 9.92 -5.70 4.05
N THR A 67 9.71 -4.95 5.13
CA THR A 67 10.81 -4.63 6.04
C THR A 67 10.88 -5.55 7.26
N GLU A 68 9.77 -6.18 7.63
CA GLU A 68 9.74 -6.98 8.86
C GLU A 68 9.13 -8.36 8.70
N ASN A 69 9.14 -8.88 7.48
CA ASN A 69 8.64 -10.22 7.22
C ASN A 69 7.17 -10.36 7.58
N THR A 70 6.35 -9.49 7.01
CA THR A 70 4.92 -9.55 7.22
C THR A 70 4.12 -9.97 5.97
N PHE A 71 4.80 -10.15 4.83
CA PHE A 71 4.12 -10.64 3.64
C PHE A 71 3.84 -12.12 3.76
N ARG A 72 2.61 -12.52 3.46
CA ARG A 72 2.19 -13.93 3.56
C ARG A 72 1.60 -14.40 2.23
N PRO A 73 2.40 -15.13 1.43
CA PRO A 73 1.92 -15.63 0.14
C PRO A 73 0.66 -16.47 0.32
N GLU A 74 0.56 -17.23 1.40
CA GLU A 74 -0.63 -18.05 1.57
C GLU A 74 -1.88 -17.20 1.78
N ARG A 75 -1.71 -16.02 2.37
CA ARG A 75 -2.83 -15.11 2.53
C ARG A 75 -3.29 -14.51 1.19
N ILE A 76 -2.31 -14.16 0.34
CA ILE A 76 -2.61 -13.76 -1.04
C ILE A 76 -3.41 -14.86 -1.76
N ARG A 77 -2.94 -16.10 -1.68
CA ARG A 77 -3.62 -17.21 -2.34
C ARG A 77 -5.05 -17.31 -1.83
N GLU A 78 -5.23 -17.19 -0.53
CA GLU A 78 -6.56 -17.29 0.06
C GLU A 78 -7.48 -16.18 -0.45
N ILE A 79 -6.99 -14.94 -0.38
CA ILE A 79 -7.83 -13.83 -0.83
C ILE A 79 -8.17 -13.95 -2.32
N ALA A 80 -7.17 -14.32 -3.11
CA ALA A 80 -7.33 -14.48 -4.55
C ALA A 80 -8.43 -15.50 -4.83
N GLN A 81 -8.30 -16.68 -4.22
CA GLN A 81 -9.23 -17.75 -4.56
C GLN A 81 -10.65 -17.42 -4.11
N ASN A 82 -10.79 -16.85 -2.91
CA ASN A 82 -12.09 -16.44 -2.40
C ASN A 82 -12.73 -15.30 -3.20
N ARG A 83 -11.94 -14.68 -4.08
CA ARG A 83 -12.45 -13.63 -4.97
C ARG A 83 -12.53 -14.05 -6.44
N GLY A 84 -12.18 -15.29 -6.73
CA GLY A 84 -12.38 -15.84 -8.06
C GLY A 84 -11.18 -15.82 -8.99
N LEU A 85 -10.06 -15.31 -8.50
CA LEU A 85 -8.85 -15.25 -9.32
C LEU A 85 -8.06 -16.52 -9.11
N ASP A 86 -7.11 -16.76 -10.01
CA ASP A 86 -6.22 -17.89 -9.86
C ASP A 86 -5.10 -17.51 -8.88
N PRO A 87 -5.00 -18.22 -7.75
CA PRO A 87 -4.00 -17.88 -6.73
C PRO A 87 -2.55 -17.88 -7.24
N ASP A 88 -2.19 -18.79 -8.14
CA ASP A 88 -0.83 -18.80 -8.65
C ASP A 88 -0.55 -17.60 -9.56
N GLU A 89 -1.49 -17.27 -10.43
CA GLU A 89 -1.34 -16.12 -11.31
C GLU A 89 -1.21 -14.85 -10.48
N VAL A 90 -2.07 -14.71 -9.48
CA VAL A 90 -2.04 -13.55 -8.60
C VAL A 90 -0.68 -13.39 -7.90
N LEU A 91 -0.16 -14.48 -7.32
CA LEU A 91 1.18 -14.42 -6.73
C LEU A 91 2.30 -14.10 -7.73
N LYS A 92 2.19 -14.63 -8.94
CA LYS A 92 3.19 -14.41 -9.99
C LYS A 92 3.35 -12.94 -10.32
N HIS A 93 2.28 -12.17 -10.09
CA HIS A 93 2.31 -10.77 -10.50
C HIS A 93 2.54 -9.82 -9.34
N ILE A 94 3.06 -10.38 -8.23
CA ILE A 94 3.57 -9.59 -7.12
C ILE A 94 5.08 -9.80 -7.04
N ALA A 95 5.84 -8.78 -7.43
CA ALA A 95 7.29 -8.83 -7.33
C ALA A 95 7.64 -8.49 -5.87
N TYR A 96 8.33 -9.41 -5.21
CA TYR A 96 8.65 -9.29 -3.79
C TYR A 96 10.11 -8.96 -3.51
N ALA A 97 10.34 -8.03 -2.59
CA ALA A 97 11.68 -7.77 -2.10
C ALA A 97 11.69 -7.54 -0.59
N ARG A 98 12.56 -8.24 0.11
CA ARG A 98 12.85 -7.98 1.50
C ARG A 98 13.84 -6.83 1.54
N ALA A 99 13.58 -5.84 2.41
CA ALA A 99 14.53 -4.79 2.71
C ALA A 99 15.21 -5.12 4.03
N PHE A 100 16.53 -5.27 4.02
CA PHE A 100 17.24 -5.68 5.23
C PHE A 100 17.58 -4.55 6.19
N ASN A 101 17.57 -3.32 5.70
CA ASN A 101 17.85 -2.14 6.48
C ASN A 101 17.37 -0.90 5.72
N SER A 102 17.51 0.27 6.34
CA SER A 102 16.97 1.48 5.76
C SER A 102 17.66 1.90 4.46
N ASN A 103 18.97 1.74 4.39
CA ASN A 103 19.67 2.03 3.15
C ASN A 103 19.22 1.14 2.00
N HIS A 104 19.13 -0.16 2.30
CA HIS A 104 18.67 -1.14 1.33
C HIS A 104 17.26 -0.81 0.88
N GLN A 105 16.40 -0.42 1.83
CA GLN A 105 15.03 -0.04 1.52
C GLN A 105 14.98 1.09 0.49
N MET A 106 15.83 2.10 0.69
CA MET A 106 15.91 3.22 -0.22
C MET A 106 16.44 2.79 -1.59
N LEU A 107 17.43 1.91 -1.59
CA LEU A 107 18.00 1.38 -2.84
C LEU A 107 16.94 0.61 -3.63
N LEU A 108 16.11 -0.14 -2.92
CA LEU A 108 15.09 -0.95 -3.59
C LEU A 108 14.08 -0.10 -4.36
N VAL A 109 13.75 1.07 -3.81
CA VAL A 109 12.82 1.98 -4.47
C VAL A 109 13.47 2.57 -5.71
N GLN A 110 14.74 2.90 -5.60
CA GLN A 110 15.51 3.32 -6.76
C GLN A 110 15.56 2.21 -7.81
N GLN A 111 15.80 0.98 -7.36
CA GLN A 111 15.87 -0.19 -8.25
C GLN A 111 14.51 -0.57 -8.87
N ALA A 112 13.42 -0.34 -8.14
CA ALA A 112 12.08 -0.70 -8.61
C ALA A 112 11.74 -0.05 -9.95
N GLU A 113 12.32 1.12 -10.21
CA GLU A 113 12.03 1.85 -11.45
C GLU A 113 12.32 1.00 -12.70
N ASP A 114 13.34 0.13 -12.61
CA ASP A 114 13.73 -0.70 -13.74
C ASP A 114 12.60 -1.61 -14.17
N MET A 115 11.99 -2.29 -13.20
N MET A 115 11.99 -2.29 -13.19
CA MET A 115 10.89 -3.21 -13.51
CA MET A 115 10.90 -3.22 -13.47
C MET A 115 9.66 -2.44 -13.95
C MET A 115 9.64 -2.47 -13.89
N ILE A 116 9.45 -1.28 -13.34
CA ILE A 116 8.30 -0.46 -13.67
C ILE A 116 8.40 -0.07 -15.14
N LYS A 117 9.59 0.37 -15.55
CA LYS A 117 9.83 0.70 -16.96
C LYS A 117 9.58 -0.48 -17.89
N GLU A 118 10.05 -1.67 -17.49
CA GLU A 118 9.86 -2.86 -18.33
C GLU A 118 8.40 -3.22 -18.53
N LEU A 119 7.59 -3.03 -17.48
CA LEU A 119 6.20 -3.44 -17.52
C LEU A 119 5.27 -2.35 -18.03
N LEU A 120 5.81 -1.14 -18.21
CA LEU A 120 5.00 0.05 -18.43
C LEU A 120 4.03 -0.06 -19.60
N ASN A 121 4.51 -0.51 -20.75
CA ASN A 121 3.59 -0.57 -21.88
C ASN A 121 3.19 -2.00 -22.23
N THR A 122 2.98 -2.79 -21.19
CA THR A 122 2.51 -4.16 -21.34
C THR A 122 1.05 -4.33 -20.91
N ASP A 123 0.60 -5.57 -20.85
CA ASP A 123 -0.75 -5.88 -20.42
C ASP A 123 -0.90 -5.83 -18.89
N ARG A 124 0.21 -5.74 -18.17
CA ARG A 124 0.18 -5.71 -16.69
C ARG A 124 1.18 -4.70 -16.15
N PRO A 125 0.96 -3.41 -16.42
CA PRO A 125 1.89 -2.41 -15.88
C PRO A 125 1.83 -2.43 -14.34
N VAL A 126 2.92 -2.08 -13.69
CA VAL A 126 2.88 -1.91 -12.23
C VAL A 126 1.85 -0.82 -11.88
N LYS A 127 0.92 -1.15 -11.00
CA LYS A 127 -0.09 -0.18 -10.60
C LYS A 127 -0.13 0.03 -9.09
N LEU A 128 0.60 -0.80 -8.36
CA LEU A 128 0.64 -0.73 -6.89
C LEU A 128 2.04 -1.03 -6.40
N LEU A 129 2.59 -0.14 -5.59
CA LEU A 129 3.88 -0.34 -4.95
C LEU A 129 3.65 -0.21 -3.47
N ILE A 130 3.91 -1.30 -2.74
CA ILE A 130 3.69 -1.35 -1.30
C ILE A 130 5.02 -1.26 -0.57
N VAL A 131 5.07 -0.45 0.48
CA VAL A 131 6.19 -0.47 1.41
C VAL A 131 5.61 -0.73 2.80
N ASP A 132 5.84 -1.94 3.32
CA ASP A 132 5.33 -2.37 4.61
C ASP A 132 6.55 -2.84 5.38
N SER A 133 7.12 -2.00 6.24
CA SER A 133 6.51 -0.73 6.60
C SER A 133 7.48 0.40 6.29
N LEU A 134 6.96 1.62 6.26
CA LEU A 134 7.75 2.75 5.80
C LEU A 134 8.90 3.04 6.76
N THR A 135 8.68 2.87 8.06
CA THR A 135 9.60 3.43 9.05
C THR A 135 10.27 2.46 10.02
N SER A 136 9.99 1.16 9.94
CA SER A 136 10.52 0.26 10.97
C SER A 136 12.04 0.31 11.02
N HIS A 137 12.70 0.30 9.87
CA HIS A 137 14.16 0.35 9.87
C HIS A 137 14.70 1.70 10.32
N PHE A 138 14.04 2.78 9.91
CA PHE A 138 14.49 4.11 10.28
C PHE A 138 14.39 4.30 11.80
N ARG A 139 13.30 3.80 12.38
CA ARG A 139 13.08 3.86 13.82
C ARG A 139 14.14 3.06 14.58
N SER A 140 14.53 1.93 14.02
CA SER A 140 15.46 1.02 14.66
C SER A 140 16.89 1.55 14.60
N GLU A 141 17.23 2.21 13.50
CA GLU A 141 18.61 2.57 13.23
C GLU A 141 19.01 3.95 13.77
N TYR A 142 18.08 4.89 13.75
CA TYR A 142 18.38 6.27 14.12
C TYR A 142 17.81 6.60 15.49
N ILE A 143 18.61 6.34 16.52
CA ILE A 143 18.13 6.47 17.90
C ILE A 143 18.51 7.82 18.53
N GLY A 144 17.53 8.46 19.15
CA GLY A 144 17.80 9.65 19.94
C GLY A 144 17.94 10.91 19.11
N ARG A 145 18.12 12.04 19.77
CA ARG A 145 18.12 13.34 19.08
C ARG A 145 19.34 13.60 18.19
N GLY A 146 20.46 12.95 18.48
CA GLY A 146 21.63 13.09 17.65
C GLY A 146 21.40 12.50 16.27
N ALA A 147 20.37 11.68 16.15
CA ALA A 147 20.13 10.95 14.91
C ALA A 147 18.90 11.45 14.15
N LEU A 148 18.08 12.25 14.82
CA LEU A 148 16.81 12.70 14.26
C LEU A 148 16.98 13.41 12.92
N ALA A 149 17.92 14.35 12.86
CA ALA A 149 18.11 15.15 11.66
C ALA A 149 18.34 14.28 10.44
N GLU A 150 19.27 13.34 10.55
CA GLU A 150 19.58 12.48 9.42
C GLU A 150 18.42 11.54 9.11
N ARG A 151 17.71 11.10 10.15
CA ARG A 151 16.58 10.20 9.94
C ARG A 151 15.52 10.88 9.09
N GLN A 152 15.19 12.12 9.44
CA GLN A 152 14.17 12.87 8.72
C GLN A 152 14.60 13.18 7.29
N GLN A 153 15.87 13.51 7.11
CA GLN A 153 16.41 13.77 5.78
C GLN A 153 16.30 12.54 4.87
N LYS A 154 16.76 11.41 5.38
CA LYS A 154 16.71 10.16 4.62
C LYS A 154 15.27 9.76 4.32
N LEU A 155 14.41 9.82 5.33
CA LEU A 155 12.99 9.51 5.14
C LEU A 155 12.34 10.43 4.13
N ALA A 156 12.62 11.72 4.24
CA ALA A 156 12.10 12.69 3.27
C ALA A 156 12.54 12.36 1.84
N LYS A 157 13.80 11.98 1.66
CA LYS A 157 14.30 11.60 0.35
C LYS A 157 13.58 10.36 -0.16
N HIS A 158 13.40 9.39 0.73
CA HIS A 158 12.70 8.13 0.41
C HIS A 158 11.28 8.39 -0.06
N LEU A 159 10.56 9.23 0.68
CA LEU A 159 9.21 9.62 0.30
C LEU A 159 9.19 10.37 -1.03
N ALA A 160 10.18 11.23 -1.25
CA ALA A 160 10.25 11.94 -2.52
C ALA A 160 10.47 10.97 -3.69
N ASP A 161 11.31 9.95 -3.48
CA ASP A 161 11.54 8.92 -4.50
C ASP A 161 10.24 8.18 -4.80
N LEU A 162 9.50 7.84 -3.75
CA LEU A 162 8.23 7.16 -3.94
C LEU A 162 7.20 8.03 -4.67
N HIS A 163 7.13 9.31 -4.32
CA HIS A 163 6.20 10.25 -4.97
C HIS A 163 6.50 10.33 -6.46
N ARG A 164 7.79 10.39 -6.78
CA ARG A 164 8.21 10.46 -8.17
C ARG A 164 7.72 9.25 -8.96
N LEU A 165 7.89 8.06 -8.41
CA LEU A 165 7.43 6.86 -9.10
C LEU A 165 5.92 6.88 -9.28
N ALA A 166 5.21 7.27 -8.22
CA ALA A 166 3.76 7.37 -8.27
C ALA A 166 3.26 8.28 -9.39
N ASN A 167 3.86 9.47 -9.50
CA ASN A 167 3.43 10.50 -10.44
C ASN A 167 3.87 10.20 -11.87
N LEU A 168 5.12 9.77 -12.02
CA LEU A 168 5.69 9.57 -13.35
C LEU A 168 5.11 8.35 -14.06
N TYR A 169 4.80 7.31 -13.29
CA TYR A 169 4.38 6.05 -13.88
C TYR A 169 2.94 5.67 -13.53
N ASP A 170 2.20 6.60 -12.93
CA ASP A 170 0.77 6.38 -12.67
C ASP A 170 0.53 5.15 -11.79
N ILE A 171 1.20 5.16 -10.64
CA ILE A 171 1.20 4.04 -9.70
C ILE A 171 0.59 4.52 -8.39
N ALA A 172 -0.18 3.65 -7.73
CA ALA A 172 -0.64 3.92 -6.38
C ALA A 172 0.40 3.39 -5.43
N VAL A 173 0.96 4.27 -4.59
CA VAL A 173 1.92 3.84 -3.59
C VAL A 173 1.17 3.73 -2.27
N PHE A 174 1.36 2.61 -1.59
CA PHE A 174 0.65 2.29 -0.35
C PHE A 174 1.69 1.91 0.68
N VAL A 175 1.77 2.68 1.77
CA VAL A 175 2.78 2.41 2.78
C VAL A 175 2.13 2.30 4.13
N THR A 176 2.67 1.44 4.99
CA THR A 176 2.19 1.32 6.35
C THR A 176 3.12 1.99 7.34
N ASN A 177 2.57 2.35 8.49
CA ASN A 177 3.35 3.09 9.48
C ASN A 177 2.72 2.87 10.85
N GLN A 178 3.37 3.41 11.88
CA GLN A 178 2.81 3.39 13.22
C GLN A 178 3.09 4.73 13.85
N VAL A 179 2.21 5.19 14.72
CA VAL A 179 2.40 6.49 15.35
C VAL A 179 3.51 6.43 16.39
N SER A 190 -0.80 16.76 2.16
CA SER A 190 0.33 15.97 1.72
C SER A 190 1.45 15.98 2.78
N ALA A 191 2.55 15.26 2.56
CA ALA A 191 2.86 14.55 1.33
C ALA A 191 1.92 13.39 1.03
N THR A 192 1.39 12.79 2.08
CA THR A 192 0.66 11.54 1.96
C THR A 192 -0.80 11.70 2.39
N LEU A 193 -1.64 10.77 1.95
CA LEU A 193 -3.01 10.73 2.42
C LEU A 193 -3.02 9.80 3.63
N ARG A 194 -3.25 10.35 4.82
CA ARG A 194 -3.11 9.56 6.05
C ARG A 194 -4.42 8.96 6.53
N VAL A 195 -4.41 7.65 6.75
CA VAL A 195 -5.55 6.90 7.27
C VAL A 195 -5.12 6.17 8.54
N TYR A 196 -5.91 6.28 9.60
CA TYR A 196 -5.58 5.68 10.89
C TYR A 196 -6.55 4.57 11.21
N LEU A 197 -6.01 3.39 11.48
CA LEU A 197 -6.86 2.23 11.77
C LEU A 197 -6.87 1.94 13.24
N ARG A 198 -8.01 1.49 13.73
CA ARG A 198 -8.13 1.09 15.12
C ARG A 198 -9.15 -0.01 15.28
N LYS A 199 -9.14 -0.64 16.44
CA LYS A 199 -10.13 -1.67 16.76
C LYS A 199 -11.48 -1.04 17.02
N GLY A 200 -12.52 -1.61 16.43
CA GLY A 200 -13.88 -1.18 16.71
C GLY A 200 -14.54 -2.17 17.64
N LYS A 201 -15.86 -2.29 17.54
CA LYS A 201 -16.61 -3.24 18.32
C LYS A 201 -16.77 -4.59 17.61
N GLY A 202 -16.70 -5.68 18.38
CA GLY A 202 -16.99 -7.01 17.87
C GLY A 202 -16.03 -7.55 16.84
N GLY A 203 -14.78 -7.12 16.90
CA GLY A 203 -13.77 -7.62 15.97
C GLY A 203 -13.73 -6.86 14.66
N LYS A 204 -14.60 -5.87 14.50
CA LYS A 204 -14.53 -5.02 13.32
C LYS A 204 -13.42 -3.99 13.48
N ARG A 205 -13.03 -3.35 12.37
CA ARG A 205 -11.99 -2.33 12.42
C ARG A 205 -12.56 -1.02 11.95
N ILE A 206 -11.93 0.07 12.38
CA ILE A 206 -12.38 1.39 11.98
C ILE A 206 -11.24 2.15 11.34
N ALA A 207 -11.49 2.74 10.18
CA ALA A 207 -10.54 3.63 9.55
C ALA A 207 -11.00 5.07 9.69
N ARG A 208 -10.08 5.95 10.05
CA ARG A 208 -10.36 7.39 10.11
C ARG A 208 -9.40 8.15 9.19
N LEU A 209 -9.96 8.97 8.31
CA LEU A 209 -9.19 9.76 7.37
C LEU A 209 -8.92 11.10 8.05
N ILE A 210 -7.67 11.54 8.04
CA ILE A 210 -7.29 12.77 8.72
C ILE A 210 -6.45 13.69 7.83
N ASP A 211 -6.82 14.96 7.83
CA ASP A 211 -6.03 16.01 7.19
C ASP A 211 -5.92 15.92 5.66
N ALA A 212 -6.91 15.28 5.04
CA ALA A 212 -6.97 15.23 3.58
C ALA A 212 -7.31 16.63 3.08
N PRO A 213 -6.51 17.17 2.15
CA PRO A 213 -6.80 18.52 1.62
C PRO A 213 -8.14 18.62 0.90
N HIS A 214 -8.57 17.57 0.22
CA HIS A 214 -9.78 17.66 -0.59
C HIS A 214 -10.79 16.53 -0.41
N LEU A 215 -10.67 15.81 0.71
CA LEU A 215 -11.69 14.85 1.14
C LEU A 215 -12.02 15.17 2.59
N PRO A 216 -13.31 15.14 2.93
CA PRO A 216 -13.63 15.45 4.33
C PRO A 216 -13.17 14.35 5.25
N GLU A 217 -12.80 14.69 6.47
CA GLU A 217 -12.48 13.66 7.44
C GLU A 217 -13.70 12.80 7.66
N GLY A 218 -13.50 11.61 8.18
CA GLY A 218 -14.59 10.70 8.40
C GLY A 218 -14.08 9.34 8.81
N GLU A 219 -15.01 8.43 9.04
CA GLU A 219 -14.68 7.09 9.47
C GLU A 219 -15.42 6.05 8.64
N ALA A 220 -14.81 4.89 8.52
CA ALA A 220 -15.43 3.75 7.85
C ALA A 220 -15.21 2.52 8.69
N VAL A 221 -16.26 1.73 8.89
CA VAL A 221 -16.12 0.48 9.62
C VAL A 221 -16.01 -0.65 8.62
N PHE A 222 -15.08 -1.56 8.85
CA PHE A 222 -14.89 -2.69 7.94
C PHE A 222 -14.57 -3.99 8.67
N SER A 223 -14.63 -5.10 7.94
CA SER A 223 -14.34 -6.41 8.50
C SER A 223 -13.11 -7.01 7.84
N ILE A 224 -12.53 -8.03 8.49
CA ILE A 224 -11.47 -8.84 7.90
C ILE A 224 -11.98 -10.27 7.76
N THR A 225 -12.00 -10.77 6.53
CA THR A 225 -12.59 -12.08 6.25
C THR A 225 -11.63 -12.90 5.40
N GLU A 226 -12.10 -14.03 4.87
CA GLU A 226 -11.25 -14.83 3.98
C GLU A 226 -11.08 -14.13 2.63
N LYS A 227 -11.89 -13.10 2.40
CA LYS A 227 -11.75 -12.24 1.21
C LYS A 227 -10.77 -11.09 1.46
N GLY A 228 -10.15 -11.07 2.63
CA GLY A 228 -9.25 -9.98 2.97
C GLY A 228 -10.04 -8.99 3.77
N ILE A 229 -10.22 -7.78 3.25
CA ILE A 229 -11.16 -6.88 3.90
C ILE A 229 -12.38 -6.56 3.03
N GLU A 230 -13.50 -6.35 3.70
CA GLU A 230 -14.75 -5.96 3.08
C GLU A 230 -15.64 -5.34 4.15
N ASP A 231 -16.81 -4.85 3.76
CA ASP A 231 -17.73 -4.25 4.73
C ASP A 231 -18.07 -5.28 5.81
#